data_9QWG
#
_entry.id   9QWG
#
_cell.length_a   131.164
_cell.length_b   131.164
_cell.length_c   154.803
_cell.angle_alpha   90.000
_cell.angle_beta   90.000
_cell.angle_gamma   120.000
#
_symmetry.space_group_name_H-M   'P 65 2 2'
#
loop_
_entity.id
_entity.type
_entity.pdbx_description
1 polymer Furin
2 non-polymer 'methyl 2-[1-[[3-[3,5-bis(chloranyl)phenyl]-5-[[4-(2-methoxy-2-oxidanylidene-ethyl)piperidin-1-yl]methyl]phenyl]methyl]piperidin-4-yl]ethanoate'
3 non-polymer 'CALCIUM ION'
4 non-polymer 'SODIUM ION'
5 non-polymer 'CHLORIDE ION'
6 non-polymer 'DIMETHYL SULFOXIDE'
7 non-polymer 2-acetamido-2-deoxy-beta-D-glucopyranose
8 water water
#
_entity_poly.entity_id   1
_entity_poly.type   'polypeptide(L)'
_entity_poly.pdbx_seq_one_letter_code
;DVYQEPTDPKFPQQWYLSGVTQRDLNVKAAWAQGYTGHGIVVSILDDGIEKNHPDLAGNYDPGASFDVNDQDPDPQPRYT
QMNDNRHGTRCAGEVAAVANNGVCGVGVAYNARIGGVRMLDGEVTDAVEARSLGLNPNHIHIYSASWGPEDDGKTVDGPA
RLAEEAFFRGVSQGRGGLGSIFVWASGNGGREHDSCNCDGYTNSIYTLSISSATQFGNVPWYSEACSSTLATTYSSGNQN
EKQIVTTDLRQKCTESHTGTSASAPLAAGIIALTLEANKNLTWRDMQHLVVQTSKPAHLNANDWATNGVGRKVSHSYGYG
LLDAGAMVALAQNWTTVAPQRKCIIDILTEPKDIGKRLEVRKTVTACLGEPNHITRLEHAQARLTLSYNRRGDLAIHLVS
PMGTRSTLLAARPHDYSADGFNDWAFMTTHSWDEDPSGEWVLEIENTSEANNYGTLTKFTLVLYGTASGSLVPRGSHHHH
HH
;
_entity_poly.pdbx_strand_id   A
#
loop_
_chem_comp.id
_chem_comp.type
_chem_comp.name
_chem_comp.formula
A1JA4 non-polymer 'methyl 2-[1-[[3-[3,5-bis(chloranyl)phenyl]-5-[[4-(2-methoxy-2-oxidanylidene-ethyl)piperidin-1-yl]methyl]phenyl]methyl]piperidin-4-yl]ethanoate' 'C30 H38 Cl2 N2 O4'
CA non-polymer 'CALCIUM ION' 'Ca 2'
CL non-polymer 'CHLORIDE ION' 'Cl -1'
DMS non-polymer 'DIMETHYL SULFOXIDE' 'C2 H6 O S'
NA non-polymer 'SODIUM ION' 'Na 1'
NAG D-saccharide, beta linking 2-acetamido-2-deoxy-beta-D-glucopyranose 'C8 H15 N O6'
#
# COMPACT_ATOMS: atom_id res chain seq x y z
N TYR A 3 31.32 -2.52 7.72
CA TYR A 3 30.17 -3.39 7.47
C TYR A 3 30.49 -4.48 6.46
N GLN A 4 30.07 -5.71 6.75
CA GLN A 4 30.28 -6.84 5.85
C GLN A 4 28.94 -7.28 5.28
N GLU A 5 28.83 -7.25 3.96
CA GLU A 5 27.58 -7.63 3.34
C GLU A 5 27.36 -9.14 3.45
N PRO A 6 26.11 -9.57 3.30
CA PRO A 6 25.78 -10.98 3.50
C PRO A 6 26.56 -11.89 2.57
N THR A 7 26.84 -13.08 3.08
CA THR A 7 27.56 -14.11 2.36
C THR A 7 26.64 -15.18 1.77
N ASP A 8 25.33 -15.05 1.95
CA ASP A 8 24.39 -16.08 1.53
C ASP A 8 24.53 -16.36 0.04
N PRO A 9 24.31 -17.62 -0.36
CA PRO A 9 24.66 -18.00 -1.74
C PRO A 9 23.89 -17.26 -2.80
N LYS A 10 22.65 -16.86 -2.53
CA LYS A 10 21.85 -16.15 -3.52
C LYS A 10 21.74 -14.67 -3.23
N PHE A 11 22.48 -14.15 -2.26
CA PHE A 11 22.44 -12.70 -2.07
C PHE A 11 22.87 -11.95 -3.33
N PRO A 12 23.89 -12.38 -4.08
CA PRO A 12 24.22 -11.68 -5.32
C PRO A 12 23.08 -11.63 -6.32
N GLN A 13 22.16 -12.59 -6.27
CA GLN A 13 21.01 -12.60 -7.16
C GLN A 13 19.87 -11.72 -6.67
N GLN A 14 19.95 -11.18 -5.45
CA GLN A 14 18.95 -10.26 -4.92
C GLN A 14 19.30 -8.84 -5.36
N TRP A 15 19.10 -8.62 -6.66
CA TRP A 15 19.57 -7.43 -7.35
C TRP A 15 18.94 -6.16 -6.79
N TYR A 16 17.74 -6.27 -6.24
CA TYR A 16 16.99 -5.14 -5.69
C TYR A 16 17.52 -4.73 -4.32
N LEU A 17 18.38 -5.56 -3.71
CA LEU A 17 19.20 -5.22 -2.54
C LEU A 17 20.68 -5.08 -2.87
N SER A 18 21.25 -6.03 -3.62
CA SER A 18 22.71 -6.08 -3.73
C SER A 18 23.27 -5.29 -4.90
N GLY A 19 22.45 -4.62 -5.68
CA GLY A 19 22.94 -3.95 -6.87
C GLY A 19 23.90 -2.82 -6.55
N VAL A 20 24.84 -2.60 -7.48
CA VAL A 20 25.75 -1.45 -7.42
C VAL A 20 25.46 -0.46 -8.55
N THR A 21 24.35 -0.62 -9.27
CA THR A 21 24.04 0.21 -10.42
C THR A 21 22.97 1.26 -10.12
N GLN A 22 22.62 1.48 -8.85
CA GLN A 22 21.63 2.45 -8.39
C GLN A 22 20.20 2.02 -8.72
N ARG A 23 19.99 0.86 -9.33
CA ARG A 23 18.65 0.32 -9.48
C ARG A 23 18.39 -0.69 -8.36
N ASP A 24 18.32 -0.15 -7.14
CA ASP A 24 18.00 -0.96 -5.97
C ASP A 24 17.30 -0.11 -4.91
N LEU A 25 16.92 -0.79 -3.82
CA LEU A 25 16.17 -0.18 -2.74
C LEU A 25 17.06 0.49 -1.69
N ASN A 26 18.36 0.56 -1.95
CA ASN A 26 19.31 1.25 -1.06
C ASN A 26 19.23 0.66 0.35
N VAL A 27 19.17 -0.66 0.42
CA VAL A 27 19.07 -1.34 1.69
C VAL A 27 20.44 -1.54 2.33
N LYS A 28 21.49 -1.74 1.54
CA LYS A 28 22.81 -1.90 2.15
C LYS A 28 23.17 -0.68 2.97
N ALA A 29 22.74 0.51 2.52
CA ALA A 29 23.05 1.74 3.24
C ALA A 29 22.42 1.73 4.62
N ALA A 30 21.23 1.15 4.76
CA ALA A 30 20.58 1.06 6.06
C ALA A 30 21.28 0.03 6.93
N TRP A 31 21.60 -1.13 6.37
CA TRP A 31 22.38 -2.11 7.11
C TRP A 31 23.67 -1.51 7.63
N ALA A 32 24.33 -0.70 6.80
CA ALA A 32 25.61 -0.13 7.22
C ALA A 32 25.44 0.98 8.26
N GLN A 33 24.26 1.59 8.35
CA GLN A 33 23.94 2.49 9.46
C GLN A 33 23.63 1.71 10.74
N GLY A 34 23.61 0.38 10.68
CA GLY A 34 23.37 -0.46 11.84
C GLY A 34 21.97 -1.04 11.97
N TYR A 35 21.11 -0.83 10.98
CA TYR A 35 19.70 -1.20 11.09
C TYR A 35 19.43 -2.46 10.29
N THR A 36 18.93 -3.49 10.97
CA THR A 36 18.69 -4.80 10.38
C THR A 36 17.33 -5.35 10.77
N GLY A 37 16.56 -4.63 11.56
CA GLY A 37 15.26 -5.08 12.00
C GLY A 37 15.24 -5.68 13.38
N HIS A 38 16.36 -5.67 14.09
CA HIS A 38 16.40 -6.20 15.45
C HIS A 38 15.29 -5.59 16.29
N GLY A 39 14.51 -6.45 16.96
CA GLY A 39 13.45 -6.02 17.85
C GLY A 39 12.13 -5.72 17.18
N ILE A 40 12.05 -5.79 15.86
CA ILE A 40 10.81 -5.50 15.13
C ILE A 40 10.16 -6.83 14.77
N VAL A 41 8.83 -6.83 14.76
CA VAL A 41 8.02 -8.03 14.56
C VAL A 41 7.11 -7.77 13.38
N VAL A 42 7.17 -8.63 12.37
CA VAL A 42 6.40 -8.51 11.14
C VAL A 42 5.56 -9.76 10.96
N SER A 43 4.33 -9.59 10.47
CA SER A 43 3.46 -10.74 10.20
C SER A 43 2.94 -10.69 8.77
N ILE A 44 3.04 -11.83 8.07
CA ILE A 44 2.56 -11.99 6.70
C ILE A 44 1.15 -12.56 6.72
N LEU A 45 0.18 -11.79 6.21
N LEU A 45 0.18 -11.79 6.21
CA LEU A 45 -1.21 -12.23 6.10
CA LEU A 45 -1.20 -12.25 6.11
C LEU A 45 -1.37 -12.93 4.75
C LEU A 45 -1.37 -12.93 4.75
N ASP A 46 -1.45 -14.26 4.77
CA ASP A 46 -1.41 -14.99 3.50
C ASP A 46 -1.87 -16.42 3.71
N ASP A 47 -1.26 -17.37 2.99
CA ASP A 47 -1.69 -18.76 2.97
C ASP A 47 -0.94 -19.64 3.96
N GLY A 48 -0.16 -19.04 4.85
CA GLY A 48 0.61 -19.78 5.82
C GLY A 48 2.09 -19.46 5.71
N ILE A 49 2.84 -19.97 6.69
CA ILE A 49 4.29 -19.76 6.71
C ILE A 49 4.98 -21.04 7.15
N GLU A 50 5.94 -21.49 6.35
CA GLU A 50 6.71 -22.69 6.69
C GLU A 50 7.71 -22.32 7.77
N LYS A 51 7.28 -22.49 9.03
CA LYS A 51 8.04 -21.94 10.15
C LYS A 51 9.35 -22.67 10.37
N ASN A 52 9.47 -23.89 9.86
CA ASN A 52 10.70 -24.67 9.98
C ASN A 52 11.61 -24.50 8.77
N HIS A 53 11.31 -23.57 7.88
CA HIS A 53 12.20 -23.35 6.75
C HIS A 53 13.60 -23.00 7.26
N PRO A 54 14.66 -23.62 6.73
N PRO A 54 14.65 -23.59 6.69
CA PRO A 54 16.00 -23.31 7.24
CA PRO A 54 16.01 -23.33 7.20
C PRO A 54 16.35 -21.83 7.22
C PRO A 54 16.44 -21.87 7.12
N ASP A 55 15.77 -21.03 6.31
CA ASP A 55 16.08 -19.60 6.27
C ASP A 55 15.06 -18.75 7.01
N LEU A 56 14.07 -19.37 7.65
CA LEU A 56 13.10 -18.64 8.45
C LEU A 56 13.11 -19.04 9.93
N ALA A 57 13.49 -20.27 10.26
CA ALA A 57 13.31 -20.77 11.62
C ALA A 57 14.00 -19.87 12.64
N GLY A 58 15.19 -19.36 12.30
CA GLY A 58 15.94 -18.58 13.26
C GLY A 58 15.28 -17.27 13.63
N ASN A 59 14.41 -16.75 12.77
CA ASN A 59 13.70 -15.51 13.03
C ASN A 59 12.23 -15.72 13.31
N TYR A 60 11.76 -16.97 13.25
CA TYR A 60 10.34 -17.25 13.37
C TYR A 60 9.81 -16.91 14.76
N ASP A 61 8.64 -16.28 14.78
CA ASP A 61 8.01 -15.83 16.02
C ASP A 61 6.59 -16.36 16.09
N PRO A 62 6.32 -17.36 16.93
CA PRO A 62 4.94 -17.84 17.09
C PRO A 62 3.96 -16.75 17.52
N GLY A 63 4.44 -15.72 18.21
CA GLY A 63 3.60 -14.61 18.63
C GLY A 63 3.21 -13.67 17.52
N ALA A 64 3.81 -13.83 16.35
CA ALA A 64 3.41 -13.11 15.15
C ALA A 64 2.55 -13.96 14.24
N SER A 65 2.01 -15.07 14.75
CA SER A 65 1.40 -16.07 13.90
C SER A 65 0.07 -16.58 14.45
N PHE A 66 -0.78 -17.01 13.53
CA PHE A 66 -2.03 -17.69 13.86
C PHE A 66 -2.59 -18.33 12.59
N ASP A 67 -3.48 -19.31 12.79
CA ASP A 67 -4.16 -19.99 11.69
C ASP A 67 -5.65 -19.69 11.88
N VAL A 68 -6.17 -18.68 11.17
N VAL A 68 -6.14 -18.69 11.17
CA VAL A 68 -7.58 -18.36 11.27
CA VAL A 68 -7.55 -18.36 11.27
C VAL A 68 -8.44 -19.17 10.30
C VAL A 68 -8.40 -19.33 10.45
N ASN A 69 -7.82 -19.95 9.41
CA ASN A 69 -8.60 -20.86 8.57
C ASN A 69 -9.03 -22.10 9.34
N ASP A 70 -8.12 -22.71 10.11
CA ASP A 70 -8.44 -23.87 10.92
C ASP A 70 -8.55 -23.55 12.40
N GLN A 71 -8.42 -22.29 12.80
CA GLN A 71 -8.62 -21.87 14.20
C GLN A 71 -7.64 -22.58 15.14
N ASP A 72 -6.36 -22.32 14.92
CA ASP A 72 -5.32 -22.86 15.78
C ASP A 72 -4.11 -21.93 15.68
N PRO A 73 -3.11 -22.11 16.54
CA PRO A 73 -1.99 -21.16 16.57
C PRO A 73 -0.96 -21.38 15.49
N ASP A 74 -1.03 -22.49 14.76
CA ASP A 74 0.07 -22.98 13.94
C ASP A 74 -0.20 -22.66 12.47
N PRO A 75 0.55 -21.75 11.84
CA PRO A 75 0.24 -21.33 10.47
C PRO A 75 0.92 -22.18 9.42
N GLN A 76 1.34 -23.38 9.79
CA GLN A 76 2.03 -24.21 8.81
C GLN A 76 1.16 -24.36 7.56
N PRO A 77 1.72 -24.23 6.36
CA PRO A 77 0.92 -24.35 5.14
C PRO A 77 0.41 -25.77 4.95
N ARG A 78 -0.67 -25.84 4.17
CA ARG A 78 -1.20 -27.11 3.69
C ARG A 78 -0.42 -27.52 2.44
N TYR A 79 0.26 -28.66 2.49
CA TYR A 79 1.10 -29.10 1.39
C TYR A 79 0.26 -29.80 0.34
N THR A 80 0.44 -29.41 -0.91
CA THR A 80 -0.30 -29.97 -2.03
C THR A 80 0.65 -30.18 -3.20
N GLN A 81 0.20 -31.01 -4.14
N GLN A 81 0.21 -31.01 -4.15
CA GLN A 81 1.05 -31.38 -5.27
CA GLN A 81 1.06 -31.38 -5.27
C GLN A 81 1.43 -30.17 -6.11
C GLN A 81 1.43 -30.19 -6.14
N MET A 82 0.59 -29.15 -6.15
CA MET A 82 0.87 -27.95 -6.93
C MET A 82 1.52 -26.85 -6.12
N ASN A 83 1.80 -27.10 -4.84
CA ASN A 83 2.46 -26.13 -3.97
C ASN A 83 1.69 -24.80 -3.91
N ASP A 84 0.35 -24.92 -3.86
CA ASP A 84 -0.54 -23.76 -3.87
C ASP A 84 -0.26 -22.79 -2.71
N ASN A 85 0.09 -23.33 -1.55
CA ASN A 85 0.14 -22.52 -0.33
C ASN A 85 1.56 -22.12 0.01
N ARG A 86 2.32 -21.71 -1.00
CA ARG A 86 3.70 -21.33 -0.83
C ARG A 86 3.90 -19.83 -0.68
N HIS A 87 2.86 -19.04 -0.91
CA HIS A 87 3.12 -17.61 -1.11
C HIS A 87 3.53 -16.92 0.18
N GLY A 88 2.91 -17.27 1.30
CA GLY A 88 3.29 -16.64 2.55
C GLY A 88 4.74 -16.91 2.90
N THR A 89 5.22 -18.13 2.60
CA THR A 89 6.61 -18.47 2.84
C THR A 89 7.54 -17.62 1.98
N ARG A 90 7.19 -17.42 0.71
CA ARG A 90 7.95 -16.52 -0.14
C ARG A 90 8.00 -15.11 0.44
N CYS A 91 6.85 -14.58 0.86
CA CYS A 91 6.82 -13.23 1.41
C CYS A 91 7.59 -13.12 2.70
N ALA A 92 7.47 -14.12 3.60
CA ALA A 92 8.19 -14.07 4.87
C ALA A 92 9.69 -13.92 4.64
N GLY A 93 10.22 -14.65 3.64
CA GLY A 93 11.65 -14.59 3.39
C GLY A 93 12.08 -13.25 2.85
N GLU A 94 11.21 -12.59 2.08
CA GLU A 94 11.52 -11.26 1.59
C GLU A 94 11.78 -10.31 2.74
N VAL A 95 10.97 -10.42 3.80
CA VAL A 95 11.09 -9.53 4.94
C VAL A 95 12.30 -9.91 5.78
N ALA A 96 12.42 -11.20 6.11
CA ALA A 96 13.23 -11.59 7.25
C ALA A 96 13.95 -12.93 7.09
N ALA A 97 14.28 -13.33 5.87
CA ALA A 97 15.16 -14.51 5.74
C ALA A 97 16.48 -14.25 6.46
N VAL A 98 16.95 -15.29 7.18
CA VAL A 98 18.16 -15.22 7.96
C VAL A 98 19.37 -14.94 7.07
N ALA A 99 20.33 -14.19 7.61
CA ALA A 99 21.51 -13.75 6.87
C ALA A 99 22.73 -14.55 7.32
N ASN A 100 23.66 -14.74 6.39
CA ASN A 100 24.99 -15.29 6.68
C ASN A 100 24.92 -16.71 7.25
N ASN A 101 23.99 -17.50 6.72
CA ASN A 101 23.77 -18.86 7.18
C ASN A 101 23.91 -19.88 6.06
N GLY A 102 24.44 -19.47 4.90
CA GLY A 102 24.67 -20.40 3.82
C GLY A 102 23.44 -20.91 3.12
N VAL A 103 22.28 -20.27 3.32
CA VAL A 103 21.01 -20.72 2.77
C VAL A 103 20.36 -19.57 2.00
N CYS A 104 19.97 -19.85 0.76
N CYS A 104 19.90 -19.87 0.78
CA CYS A 104 19.22 -18.92 -0.07
CA CYS A 104 19.17 -18.92 -0.06
C CYS A 104 19.81 -17.51 0.01
C CYS A 104 19.79 -17.52 0.01
N GLY A 105 18.97 -16.50 0.27
CA GLY A 105 19.45 -15.13 0.35
C GLY A 105 19.21 -14.54 1.73
N VAL A 106 18.78 -13.28 1.80
CA VAL A 106 18.51 -12.61 3.06
C VAL A 106 17.22 -11.82 2.96
N GLY A 107 16.62 -11.58 4.11
CA GLY A 107 15.55 -10.62 4.19
C GLY A 107 16.06 -9.19 4.22
N VAL A 108 15.18 -8.26 3.85
CA VAL A 108 15.49 -6.84 3.98
C VAL A 108 15.82 -6.53 5.44
N ALA A 109 15.01 -7.04 6.34
CA ALA A 109 15.19 -6.90 7.77
C ALA A 109 15.58 -8.26 8.34
N TYR A 110 16.81 -8.68 8.05
CA TYR A 110 17.19 -10.06 8.33
C TYR A 110 17.39 -10.36 9.80
N ASN A 111 17.28 -9.38 10.70
CA ASN A 111 17.24 -9.65 12.13
C ASN A 111 15.87 -9.40 12.76
N ALA A 112 14.87 -9.08 11.96
CA ALA A 112 13.51 -8.97 12.47
C ALA A 112 12.95 -10.34 12.78
N ARG A 113 11.92 -10.35 13.62
CA ARG A 113 11.14 -11.55 13.86
C ARG A 113 9.98 -11.58 12.88
N ILE A 114 9.64 -12.80 12.45
CA ILE A 114 8.69 -12.97 11.34
C ILE A 114 7.69 -14.04 11.72
N GLY A 115 6.41 -13.77 11.43
CA GLY A 115 5.38 -14.77 11.54
C GLY A 115 4.42 -14.67 10.38
N GLY A 116 3.37 -15.46 10.43
CA GLY A 116 2.37 -15.46 9.37
C GLY A 116 1.01 -15.78 9.93
N VAL A 117 -0.01 -15.18 9.32
CA VAL A 117 -1.39 -15.56 9.57
C VAL A 117 -1.84 -16.42 8.40
N ARG A 118 -2.22 -17.66 8.67
CA ARG A 118 -2.81 -18.51 7.66
C ARG A 118 -4.28 -18.13 7.59
N MET A 119 -4.64 -17.34 6.58
N MET A 119 -4.66 -17.40 6.55
CA MET A 119 -5.99 -16.83 6.42
CA MET A 119 -6.02 -16.90 6.44
C MET A 119 -6.59 -17.02 5.04
C MET A 119 -6.58 -16.89 5.01
N LEU A 120 -5.77 -17.22 4.00
CA LEU A 120 -6.27 -17.30 2.63
C LEU A 120 -6.60 -18.72 2.18
N ASP A 121 -6.29 -19.73 2.98
CA ASP A 121 -6.51 -21.12 2.56
C ASP A 121 -7.83 -21.62 3.14
N GLY A 122 -8.90 -21.01 2.64
CA GLY A 122 -10.23 -21.19 3.19
C GLY A 122 -11.08 -20.01 2.78
N GLU A 123 -12.35 -20.08 3.19
CA GLU A 123 -13.28 -19.02 2.83
C GLU A 123 -12.89 -17.78 3.64
N VAL A 124 -12.66 -16.68 2.95
CA VAL A 124 -12.29 -15.43 3.60
C VAL A 124 -13.56 -14.64 3.88
N THR A 125 -13.89 -14.51 5.15
CA THR A 125 -15.05 -13.79 5.63
C THR A 125 -14.58 -12.51 6.30
N ASP A 126 -15.55 -11.64 6.61
CA ASP A 126 -15.29 -10.43 7.38
C ASP A 126 -14.58 -10.78 8.69
N ALA A 127 -15.09 -11.78 9.39
CA ALA A 127 -14.50 -12.17 10.67
C ALA A 127 -13.07 -12.69 10.50
N VAL A 128 -12.83 -13.50 9.48
CA VAL A 128 -11.47 -13.98 9.21
C VAL A 128 -10.53 -12.80 9.01
N GLU A 129 -10.96 -11.83 8.20
CA GLU A 129 -10.14 -10.65 7.96
C GLU A 129 -9.87 -9.90 9.25
N ALA A 130 -10.91 -9.72 10.06
CA ALA A 130 -10.77 -8.92 11.27
C ALA A 130 -9.85 -9.61 12.28
N ARG A 131 -9.99 -10.92 12.41
CA ARG A 131 -9.15 -11.64 13.35
C ARG A 131 -7.70 -11.70 12.89
N SER A 132 -7.45 -11.50 11.59
CA SER A 132 -6.08 -11.49 11.07
C SER A 132 -5.43 -10.12 11.24
N LEU A 133 -6.11 -9.06 10.78
CA LEU A 133 -5.64 -7.70 10.98
C LEU A 133 -5.44 -7.38 12.44
N GLY A 134 -6.25 -7.97 13.31
CA GLY A 134 -6.21 -7.69 14.72
C GLY A 134 -5.40 -8.67 15.53
N LEU A 135 -4.58 -9.50 14.89
CA LEU A 135 -3.76 -10.46 15.62
C LEU A 135 -2.72 -9.74 16.48
N ASN A 136 -2.71 -10.06 17.76
CA ASN A 136 -1.65 -9.66 18.69
C ASN A 136 -1.11 -8.26 18.39
N PRO A 137 -1.95 -7.23 18.46
CA PRO A 137 -1.56 -5.90 17.96
C PRO A 137 -0.62 -5.13 18.87
N ASN A 138 -0.33 -5.61 20.08
CA ASN A 138 0.74 -5.03 20.88
C ASN A 138 1.99 -5.86 20.87
N HIS A 139 2.06 -6.86 20.00
CA HIS A 139 3.28 -7.62 19.74
C HIS A 139 3.76 -7.43 18.31
N ILE A 140 2.87 -7.57 17.33
CA ILE A 140 3.21 -7.37 15.93
C ILE A 140 3.26 -5.89 15.65
N HIS A 141 4.32 -5.43 14.99
CA HIS A 141 4.44 -4.03 14.63
C HIS A 141 3.90 -3.74 13.25
N ILE A 142 4.14 -4.66 12.31
CA ILE A 142 3.92 -4.42 10.89
C ILE A 142 3.23 -5.65 10.34
N TYR A 143 2.15 -5.42 9.58
CA TYR A 143 1.41 -6.45 8.88
C TYR A 143 1.63 -6.25 7.39
N SER A 144 1.86 -7.35 6.68
CA SER A 144 2.09 -7.31 5.25
C SER A 144 1.01 -8.14 4.58
N ALA A 145 0.28 -7.52 3.66
CA ALA A 145 -0.84 -8.17 2.97
C ALA A 145 -0.71 -7.91 1.48
N SER A 146 -0.66 -8.98 0.70
CA SER A 146 -0.36 -8.90 -0.72
C SER A 146 -1.59 -9.09 -1.60
N TRP A 147 -2.76 -9.19 -1.00
CA TRP A 147 -3.96 -9.62 -1.70
C TRP A 147 -5.17 -8.83 -1.21
N GLY A 148 -6.25 -8.95 -1.96
CA GLY A 148 -7.47 -8.26 -1.66
C GLY A 148 -8.58 -8.79 -2.53
N PRO A 149 -9.60 -7.96 -2.77
CA PRO A 149 -10.68 -8.38 -3.67
C PRO A 149 -10.15 -8.75 -5.04
N GLU A 150 -10.90 -9.61 -5.71
CA GLU A 150 -10.51 -10.12 -7.02
C GLU A 150 -10.01 -9.01 -7.93
N ASP A 151 -8.83 -9.21 -8.50
CA ASP A 151 -8.22 -8.27 -9.44
C ASP A 151 -8.72 -8.54 -10.86
N ASP A 152 -10.04 -8.63 -11.01
CA ASP A 152 -10.62 -8.92 -12.30
C ASP A 152 -11.00 -7.66 -13.08
N GLY A 153 -10.77 -6.48 -12.50
CA GLY A 153 -11.11 -5.26 -13.20
C GLY A 153 -12.59 -4.98 -13.25
N LYS A 154 -13.40 -5.69 -12.47
CA LYS A 154 -14.81 -5.37 -12.44
C LYS A 154 -15.38 -5.39 -11.03
N THR A 155 -14.57 -5.58 -10.02
CA THR A 155 -15.01 -5.65 -8.64
C THR A 155 -14.80 -4.32 -7.94
N VAL A 156 -15.77 -3.90 -7.14
CA VAL A 156 -15.61 -2.80 -6.19
C VAL A 156 -15.93 -3.41 -4.84
N ASP A 157 -14.93 -3.52 -3.97
CA ASP A 157 -15.15 -4.14 -2.67
C ASP A 157 -14.02 -3.72 -1.73
N GLY A 158 -14.29 -3.85 -0.45
CA GLY A 158 -13.38 -3.43 0.56
C GLY A 158 -13.75 -4.04 1.88
N PRO A 159 -13.07 -3.62 2.94
CA PRO A 159 -13.32 -4.23 4.26
C PRO A 159 -14.75 -3.95 4.71
N ALA A 160 -15.43 -5.02 5.10
CA ALA A 160 -16.74 -4.92 5.72
C ALA A 160 -16.55 -4.50 7.18
N ARG A 161 -17.62 -4.56 7.96
CA ARG A 161 -17.63 -3.84 9.23
C ARG A 161 -16.54 -4.33 10.19
N LEU A 162 -16.43 -5.65 10.39
CA LEU A 162 -15.46 -6.12 11.38
C LEU A 162 -14.02 -5.77 10.95
N ALA A 163 -13.72 -5.93 9.66
CA ALA A 163 -12.37 -5.63 9.19
C ALA A 163 -12.06 -4.14 9.28
N GLU A 164 -13.02 -3.29 8.93
CA GLU A 164 -12.80 -1.85 9.08
C GLU A 164 -12.61 -1.48 10.54
N GLU A 165 -13.39 -2.10 11.44
CA GLU A 165 -13.19 -1.88 12.86
C GLU A 165 -11.79 -2.32 13.28
N ALA A 166 -11.29 -3.41 12.70
CA ALA A 166 -9.95 -3.87 13.03
C ALA A 166 -8.90 -2.86 12.57
N PHE A 167 -9.09 -2.27 11.39
CA PHE A 167 -8.19 -1.20 10.96
C PHE A 167 -8.21 -0.03 11.96
N PHE A 168 -9.40 0.43 12.38
N PHE A 168 -9.43 0.43 12.29
CA PHE A 168 -9.37 1.60 13.26
CA PHE A 168 -9.63 1.50 13.28
C PHE A 168 -8.83 1.24 14.64
C PHE A 168 -8.84 1.20 14.55
N ARG A 169 -9.15 0.04 15.16
CA ARG A 169 -8.53 -0.36 16.42
C ARG A 169 -7.02 -0.48 16.28
N GLY A 170 -6.57 -0.99 15.15
CA GLY A 170 -5.15 -1.17 14.94
C GLY A 170 -4.41 0.14 14.93
N VAL A 171 -4.88 1.10 14.13
CA VAL A 171 -4.14 2.34 14.02
C VAL A 171 -4.32 3.22 15.25
N SER A 172 -5.37 3.00 16.02
CA SER A 172 -5.66 3.83 17.19
C SER A 172 -5.01 3.29 18.46
N GLN A 173 -5.22 2.02 18.77
CA GLN A 173 -4.71 1.45 20.01
C GLN A 173 -3.58 0.46 19.79
N GLY A 174 -3.40 -0.04 18.58
CA GLY A 174 -2.31 -0.96 18.30
C GLY A 174 -0.96 -0.33 18.56
N ARG A 175 0.02 -1.20 18.80
CA ARG A 175 1.41 -0.81 18.98
C ARG A 175 1.54 0.25 20.07
N GLY A 176 0.87 0.00 21.20
CA GLY A 176 0.95 0.92 22.32
C GLY A 176 0.39 2.29 22.04
N GLY A 177 -0.56 2.38 21.12
CA GLY A 177 -1.14 3.66 20.75
C GLY A 177 -0.46 4.36 19.61
N LEU A 178 0.66 3.82 19.11
CA LEU A 178 1.31 4.41 17.94
C LEU A 178 0.67 3.96 16.64
N GLY A 179 -0.05 2.84 16.66
CA GLY A 179 -0.78 2.36 15.51
C GLY A 179 -0.09 1.25 14.74
N SER A 180 -0.79 0.12 14.56
CA SER A 180 -0.34 -0.92 13.64
C SER A 180 0.00 -0.31 12.28
N ILE A 181 1.09 -0.82 11.69
CA ILE A 181 1.46 -0.42 10.33
C ILE A 181 1.03 -1.55 9.41
N PHE A 182 0.03 -1.24 8.56
CA PHE A 182 -0.50 -2.17 7.58
C PHE A 182 0.06 -1.82 6.21
N VAL A 183 0.82 -2.73 5.65
CA VAL A 183 1.46 -2.54 4.34
C VAL A 183 0.68 -3.40 3.35
N TRP A 184 0.27 -2.79 2.23
CA TRP A 184 -0.61 -3.44 1.27
C TRP A 184 -0.03 -3.37 -0.15
N ALA A 185 -0.23 -4.46 -0.89
CA ALA A 185 0.03 -4.45 -2.32
C ALA A 185 -1.14 -3.82 -3.04
N SER A 186 -0.86 -2.93 -3.97
CA SER A 186 -1.94 -2.21 -4.64
C SER A 186 -2.68 -3.04 -5.69
N GLY A 187 -2.17 -4.22 -6.05
CA GLY A 187 -2.92 -5.13 -6.90
C GLY A 187 -2.18 -5.69 -8.09
N ASN A 188 -2.69 -6.81 -8.62
CA ASN A 188 -2.10 -7.49 -9.78
C ASN A 188 -3.02 -7.45 -11.00
N GLY A 189 -4.00 -6.55 -11.01
CA GLY A 189 -5.00 -6.53 -12.06
C GLY A 189 -4.70 -5.75 -13.34
N GLY A 190 -3.43 -5.44 -13.58
CA GLY A 190 -3.07 -4.63 -14.74
C GLY A 190 -3.60 -5.16 -16.06
N ARG A 191 -3.52 -6.47 -16.29
CA ARG A 191 -3.94 -6.95 -17.62
C ARG A 191 -5.45 -6.88 -17.79
N GLU A 192 -6.18 -6.80 -16.69
CA GLU A 192 -7.62 -6.60 -16.68
C GLU A 192 -8.00 -5.13 -16.63
N HIS A 193 -7.02 -4.23 -16.77
CA HIS A 193 -7.26 -2.80 -16.72
C HIS A 193 -7.91 -2.39 -15.42
N ASP A 194 -7.56 -3.09 -14.34
CA ASP A 194 -8.09 -2.76 -13.03
C ASP A 194 -7.52 -1.43 -12.55
N SER A 195 -8.27 -0.77 -11.67
CA SER A 195 -8.00 0.59 -11.20
C SER A 195 -8.09 0.50 -9.69
N CYS A 196 -6.98 0.67 -8.98
CA CYS A 196 -6.91 0.08 -7.64
C CYS A 196 -7.64 0.87 -6.54
N ASN A 197 -8.19 2.06 -6.81
CA ASN A 197 -9.05 2.67 -5.80
C ASN A 197 -10.34 1.89 -5.59
N CYS A 198 -10.66 0.97 -6.48
CA CYS A 198 -11.82 0.08 -6.35
C CYS A 198 -11.55 -1.08 -5.40
N ASP A 199 -10.34 -1.17 -4.85
CA ASP A 199 -9.96 -2.12 -3.80
C ASP A 199 -9.87 -1.32 -2.52
N GLY A 200 -10.86 -1.52 -1.62
CA GLY A 200 -10.97 -0.72 -0.41
C GLY A 200 -9.88 -1.00 0.61
N TYR A 201 -9.09 -2.07 0.43
CA TYR A 201 -7.99 -2.31 1.34
C TYR A 201 -6.82 -1.41 0.99
N THR A 202 -6.42 -1.41 -0.27
CA THR A 202 -5.32 -0.55 -0.66
C THR A 202 -5.75 0.91 -0.70
N ASN A 203 -7.02 1.18 -1.00
CA ASN A 203 -7.58 2.53 -1.02
C ASN A 203 -7.75 3.14 0.38
N SER A 204 -7.56 2.35 1.42
CA SER A 204 -7.68 2.84 2.78
C SER A 204 -6.54 3.78 3.13
N ILE A 205 -6.84 4.80 3.93
CA ILE A 205 -5.76 5.62 4.46
C ILE A 205 -4.93 4.86 5.47
N TYR A 206 -5.48 3.80 6.08
CA TYR A 206 -4.81 3.06 7.15
C TYR A 206 -3.80 2.07 6.61
N THR A 207 -3.77 1.85 5.31
CA THR A 207 -2.79 0.96 4.71
C THR A 207 -1.77 1.78 3.95
N LEU A 208 -0.53 1.35 4.03
CA LEU A 208 0.59 1.99 3.35
C LEU A 208 0.77 1.19 2.07
N SER A 209 0.28 1.73 0.96
CA SER A 209 0.12 0.94 -0.26
C SER A 209 1.28 1.08 -1.23
N ILE A 210 1.63 -0.06 -1.84
CA ILE A 210 2.88 -0.24 -2.56
C ILE A 210 2.60 -0.86 -3.93
N SER A 211 3.20 -0.29 -4.96
CA SER A 211 3.15 -0.82 -6.32
C SER A 211 4.55 -1.30 -6.73
N SER A 212 4.68 -1.74 -7.98
CA SER A 212 5.88 -2.38 -8.47
C SER A 212 6.55 -1.62 -9.61
N ALA A 213 7.86 -1.84 -9.72
CA ALA A 213 8.64 -1.45 -10.89
C ALA A 213 9.44 -2.64 -11.37
N THR A 214 9.61 -2.77 -12.67
CA THR A 214 10.45 -3.82 -13.23
C THR A 214 11.93 -3.45 -13.10
N GLN A 215 12.79 -4.44 -13.31
CA GLN A 215 14.22 -4.22 -13.15
C GLN A 215 14.71 -3.07 -14.02
N PHE A 216 14.18 -2.93 -15.23
CA PHE A 216 14.60 -1.87 -16.15
C PHE A 216 13.84 -0.56 -15.89
N GLY A 217 13.05 -0.50 -14.84
CA GLY A 217 12.43 0.73 -14.43
C GLY A 217 11.09 1.01 -15.08
N ASN A 218 10.37 -0.02 -15.48
CA ASN A 218 9.10 0.15 -16.17
C ASN A 218 7.92 -0.33 -15.33
N VAL A 219 6.73 0.07 -15.77
CA VAL A 219 5.48 -0.31 -15.11
C VAL A 219 5.15 -1.73 -15.55
N PRO A 220 5.15 -2.71 -14.66
CA PRO A 220 4.95 -4.10 -15.09
C PRO A 220 3.55 -4.31 -15.63
N TRP A 221 3.42 -5.37 -16.43
CA TRP A 221 2.14 -5.71 -17.03
C TRP A 221 1.02 -5.82 -16.01
N TYR A 222 1.33 -6.28 -14.78
CA TYR A 222 0.31 -6.57 -13.76
C TYR A 222 -0.04 -5.36 -12.90
N SER A 223 0.62 -4.23 -13.07
CA SER A 223 0.38 -3.07 -12.21
C SER A 223 -1.01 -2.47 -12.40
N GLU A 224 -1.58 -1.99 -11.30
CA GLU A 224 -2.77 -1.16 -11.28
C GLU A 224 -2.36 0.25 -10.90
N ALA A 225 -2.82 1.23 -11.68
CA ALA A 225 -2.63 2.62 -11.33
C ALA A 225 -3.77 3.08 -10.44
N CYS A 226 -3.45 3.86 -9.42
CA CYS A 226 -4.50 4.58 -8.70
C CYS A 226 -3.87 5.64 -7.81
N SER A 227 -4.71 6.55 -7.36
CA SER A 227 -4.24 7.68 -6.58
C SER A 227 -3.97 7.32 -5.13
N SER A 228 -4.48 6.18 -4.66
CA SER A 228 -4.25 5.79 -3.26
C SER A 228 -2.84 5.23 -3.02
N THR A 229 -2.12 4.82 -4.06
CA THR A 229 -0.78 4.28 -3.87
C THR A 229 0.19 5.32 -3.31
N LEU A 230 1.09 4.87 -2.44
N LEU A 230 1.07 4.88 -2.41
CA LEU A 230 2.05 5.78 -1.81
CA LEU A 230 2.06 5.77 -1.81
C LEU A 230 3.47 5.63 -2.35
C LEU A 230 3.44 5.64 -2.46
N ALA A 231 3.91 4.42 -2.69
CA ALA A 231 5.28 4.21 -3.13
C ALA A 231 5.42 2.87 -3.83
N THR A 232 6.67 2.56 -4.23
CA THR A 232 7.00 1.47 -5.14
C THR A 232 8.21 0.68 -4.60
N THR A 233 8.18 -0.63 -4.81
CA THR A 233 9.40 -1.44 -4.72
C THR A 233 9.52 -2.26 -5.99
N TYR A 234 10.76 -2.69 -6.27
CA TYR A 234 11.01 -3.54 -7.41
C TYR A 234 10.28 -4.87 -7.26
N SER A 235 9.87 -5.40 -8.41
CA SER A 235 9.41 -6.76 -8.53
C SER A 235 9.69 -7.27 -9.96
N SER A 236 8.90 -8.23 -10.42
CA SER A 236 9.14 -8.90 -11.68
C SER A 236 8.64 -8.08 -12.86
N GLY A 237 9.04 -8.51 -14.04
CA GLY A 237 8.69 -7.85 -15.29
C GLY A 237 8.66 -8.86 -16.42
N ASN A 238 9.37 -8.57 -17.50
CA ASN A 238 9.39 -9.47 -18.64
C ASN A 238 10.46 -10.55 -18.41
N GLN A 239 10.66 -11.39 -19.41
CA GLN A 239 11.51 -12.57 -19.18
C GLN A 239 12.99 -12.28 -19.34
N ASN A 240 13.35 -11.06 -19.75
CA ASN A 240 14.73 -10.59 -19.70
C ASN A 240 15.07 -9.89 -18.39
N GLU A 241 14.07 -9.66 -17.54
CA GLU A 241 14.24 -8.95 -16.29
C GLU A 241 14.23 -9.95 -15.15
N LYS A 242 15.06 -9.70 -14.15
CA LYS A 242 15.13 -10.60 -13.01
C LYS A 242 13.89 -10.44 -12.12
N GLN A 243 13.71 -11.38 -11.20
CA GLN A 243 12.53 -11.44 -10.34
C GLN A 243 12.97 -11.45 -8.88
N ILE A 244 12.06 -11.79 -7.97
CA ILE A 244 12.38 -11.74 -6.55
C ILE A 244 12.89 -13.11 -6.11
N VAL A 245 13.95 -13.10 -5.32
CA VAL A 245 14.67 -14.28 -4.87
C VAL A 245 14.39 -14.44 -3.38
N THR A 246 13.88 -15.59 -2.98
CA THR A 246 13.42 -15.72 -1.60
C THR A 246 13.23 -17.19 -1.23
N THR A 247 12.79 -17.40 0.01
CA THR A 247 12.46 -18.71 0.54
C THR A 247 11.21 -19.27 -0.14
N ASP A 248 11.17 -20.59 -0.29
CA ASP A 248 10.04 -21.23 -0.94
C ASP A 248 9.63 -22.44 -0.13
N LEU A 249 8.37 -22.85 -0.32
CA LEU A 249 7.81 -24.00 0.36
C LEU A 249 8.67 -25.24 0.12
N ARG A 250 8.64 -26.15 1.09
CA ARG A 250 9.44 -27.39 1.09
C ARG A 250 10.93 -27.11 1.24
N GLN A 251 11.27 -26.06 1.99
CA GLN A 251 12.63 -25.77 2.44
C GLN A 251 13.55 -25.48 1.26
N LYS A 252 12.99 -24.86 0.24
CA LYS A 252 13.68 -24.54 -0.99
C LYS A 252 13.86 -23.04 -1.12
N CYS A 253 14.42 -22.64 -2.26
N CYS A 253 14.60 -22.64 -2.14
CA CYS A 253 14.75 -21.26 -2.56
CA CYS A 253 14.66 -21.26 -2.56
C CYS A 253 14.33 -20.97 -4.00
C CYS A 253 13.90 -21.13 -3.88
N THR A 254 13.56 -19.88 -4.20
CA THR A 254 13.02 -19.57 -5.51
C THR A 254 13.69 -18.30 -6.02
N GLU A 255 13.82 -18.22 -7.34
CA GLU A 255 14.27 -17.01 -8.01
C GLU A 255 13.16 -16.40 -8.86
N SER A 256 11.93 -16.86 -8.69
CA SER A 256 10.83 -16.50 -9.59
C SER A 256 9.59 -16.07 -8.82
N HIS A 257 9.78 -15.29 -7.78
CA HIS A 257 8.67 -14.68 -7.03
C HIS A 257 8.34 -13.36 -7.74
N THR A 258 7.05 -13.08 -7.91
CA THR A 258 6.62 -12.10 -8.89
C THR A 258 5.45 -11.26 -8.37
N GLY A 259 5.15 -10.20 -9.13
CA GLY A 259 3.92 -9.43 -8.96
C GLY A 259 4.03 -8.35 -7.90
N THR A 260 2.98 -7.52 -7.85
CA THR A 260 2.90 -6.52 -6.79
C THR A 260 2.80 -7.20 -5.44
N SER A 261 2.29 -8.42 -5.45
CA SER A 261 2.21 -9.23 -4.24
C SER A 261 3.60 -9.61 -3.71
N ALA A 262 4.66 -9.47 -4.52
CA ALA A 262 6.03 -9.55 -4.01
C ALA A 262 6.62 -8.19 -3.62
N SER A 263 5.98 -7.08 -3.99
CA SER A 263 6.49 -5.77 -3.61
C SER A 263 6.15 -5.40 -2.19
N ALA A 264 4.94 -5.70 -1.72
CA ALA A 264 4.57 -5.29 -0.37
C ALA A 264 5.52 -5.84 0.67
N PRO A 265 5.93 -7.11 0.63
CA PRO A 265 6.85 -7.60 1.67
C PRO A 265 8.16 -6.86 1.70
N LEU A 266 8.69 -6.48 0.55
CA LEU A 266 9.94 -5.73 0.58
C LEU A 266 9.75 -4.39 1.26
N ALA A 267 8.61 -3.73 1.00
CA ALA A 267 8.29 -2.50 1.72
C ALA A 267 8.15 -2.76 3.21
N ALA A 268 7.48 -3.84 3.60
CA ALA A 268 7.34 -4.16 5.01
C ALA A 268 8.71 -4.33 5.67
N GLY A 269 9.64 -4.96 4.97
CA GLY A 269 11.01 -5.02 5.47
C GLY A 269 11.68 -3.65 5.64
N ILE A 270 11.53 -2.78 4.63
CA ILE A 270 12.13 -1.45 4.75
C ILE A 270 11.50 -0.70 5.90
N ILE A 271 10.19 -0.86 6.07
CA ILE A 271 9.52 -0.23 7.20
C ILE A 271 9.99 -0.81 8.53
N ALA A 272 10.34 -2.10 8.55
CA ALA A 272 10.91 -2.68 9.76
C ALA A 272 12.26 -2.06 10.11
N LEU A 273 13.12 -1.86 9.11
CA LEU A 273 14.38 -1.17 9.38
C LEU A 273 14.14 0.23 9.93
N THR A 274 13.17 0.94 9.35
CA THR A 274 12.84 2.30 9.76
C THR A 274 12.32 2.34 11.19
N LEU A 275 11.47 1.39 11.56
N LEU A 275 11.49 1.37 11.57
CA LEU A 275 10.97 1.35 12.94
CA LEU A 275 10.97 1.35 12.93
C LEU A 275 12.11 1.09 13.92
C LEU A 275 12.06 1.02 13.94
N GLU A 276 13.06 0.22 13.56
CA GLU A 276 14.18 0.01 14.46
C GLU A 276 14.89 1.34 14.70
N ALA A 277 15.01 2.15 13.66
CA ALA A 277 15.70 3.43 13.79
C ALA A 277 14.94 4.41 14.67
N ASN A 278 13.62 4.25 14.80
CA ASN A 278 12.84 5.12 15.69
C ASN A 278 11.55 4.37 16.05
N LYS A 279 11.54 3.72 17.21
CA LYS A 279 10.43 2.89 17.59
C LYS A 279 9.20 3.69 17.95
N ASN A 280 9.33 5.01 18.06
N ASN A 280 9.33 5.02 18.09
CA ASN A 280 8.24 5.86 18.48
CA ASN A 280 8.21 5.87 18.47
C ASN A 280 7.42 6.38 17.30
C ASN A 280 7.56 6.54 17.27
N LEU A 281 7.78 6.02 16.07
CA LEU A 281 7.06 6.47 14.90
C LEU A 281 5.62 5.96 14.92
N THR A 282 4.68 6.87 14.64
CA THR A 282 3.29 6.48 14.53
C THR A 282 3.01 5.97 13.12
N TRP A 283 1.83 5.39 12.96
CA TRP A 283 1.42 4.88 11.66
C TRP A 283 1.39 5.99 10.62
N ARG A 284 1.05 7.22 11.03
CA ARG A 284 1.06 8.36 10.12
C ARG A 284 2.48 8.88 9.90
N ASP A 285 3.31 8.91 10.94
CA ASP A 285 4.71 9.25 10.77
C ASP A 285 5.32 8.40 9.65
N MET A 286 5.02 7.11 9.65
CA MET A 286 5.64 6.22 8.67
C MET A 286 5.24 6.60 7.25
N GLN A 287 3.99 6.99 7.06
CA GLN A 287 3.55 7.41 5.74
C GLN A 287 4.23 8.71 5.33
N HIS A 288 4.42 9.63 6.27
CA HIS A 288 5.14 10.87 5.99
C HIS A 288 6.57 10.57 5.55
N LEU A 289 7.24 9.65 6.25
CA LEU A 289 8.60 9.30 5.87
C LEU A 289 8.66 8.77 4.46
N VAL A 290 7.69 7.93 4.09
CA VAL A 290 7.67 7.36 2.74
C VAL A 290 7.45 8.46 1.71
N VAL A 291 6.54 9.39 1.98
CA VAL A 291 6.31 10.47 1.04
C VAL A 291 7.57 11.29 0.83
N GLN A 292 8.28 11.59 1.93
CA GLN A 292 9.41 12.50 1.86
C GLN A 292 10.66 11.87 1.26
N THR A 293 10.85 10.55 1.43
CA THR A 293 12.11 9.93 1.04
C THR A 293 12.07 9.11 -0.25
N SER A 294 10.89 8.86 -0.81
CA SER A 294 10.82 7.97 -1.96
C SER A 294 11.31 8.70 -3.21
N LYS A 295 11.82 7.93 -4.17
CA LYS A 295 12.61 8.48 -5.27
C LYS A 295 11.98 8.16 -6.63
N PRO A 296 11.58 9.17 -7.39
CA PRO A 296 11.09 8.93 -8.76
C PRO A 296 12.16 8.53 -9.74
N ALA A 297 13.42 8.85 -9.49
CA ALA A 297 14.43 8.81 -10.56
C ALA A 297 14.46 7.44 -11.21
N HIS A 298 14.49 7.43 -12.54
CA HIS A 298 14.66 6.23 -13.34
C HIS A 298 13.46 5.30 -13.32
N LEU A 299 12.33 5.74 -12.79
CA LEU A 299 11.08 5.03 -12.97
C LEU A 299 10.34 5.67 -14.13
N ASN A 300 10.04 4.90 -15.16
CA ASN A 300 9.42 5.40 -16.37
C ASN A 300 7.90 5.33 -16.25
N ALA A 301 7.25 6.48 -16.43
CA ALA A 301 5.80 6.56 -16.53
C ALA A 301 5.46 7.84 -17.28
N ASN A 302 4.33 7.82 -17.99
CA ASN A 302 3.93 9.01 -18.72
C ASN A 302 3.08 9.95 -17.90
N ASP A 303 2.86 9.68 -16.61
CA ASP A 303 2.00 10.53 -15.80
C ASP A 303 2.71 11.17 -14.62
N TRP A 304 4.03 11.27 -14.64
CA TRP A 304 4.71 11.97 -13.55
C TRP A 304 4.25 13.42 -13.55
N ALA A 305 3.76 13.88 -12.41
CA ALA A 305 3.28 15.25 -12.27
C ALA A 305 3.83 15.82 -10.97
N THR A 306 4.15 17.09 -10.99
CA THR A 306 4.62 17.79 -9.81
C THR A 306 3.42 18.35 -9.07
N ASN A 307 3.31 18.02 -7.79
CA ASN A 307 2.18 18.46 -6.99
C ASN A 307 2.48 19.84 -6.39
N GLY A 308 1.60 20.31 -5.49
CA GLY A 308 1.68 21.69 -5.07
C GLY A 308 2.83 21.98 -4.14
N VAL A 309 3.46 20.95 -3.60
CA VAL A 309 4.62 21.17 -2.75
C VAL A 309 5.90 20.69 -3.45
N GLY A 310 5.85 20.52 -4.77
CA GLY A 310 7.04 20.27 -5.54
C GLY A 310 7.49 18.81 -5.61
N ARG A 311 6.68 17.87 -5.14
CA ARG A 311 7.05 16.47 -5.25
C ARG A 311 6.44 15.87 -6.51
N LYS A 312 7.21 15.03 -7.17
CA LYS A 312 6.72 14.28 -8.31
C LYS A 312 5.92 13.09 -7.82
N VAL A 313 4.81 12.82 -8.48
N VAL A 313 4.80 12.85 -8.48
CA VAL A 313 3.95 11.72 -8.09
CA VAL A 313 3.92 11.75 -8.12
C VAL A 313 3.31 11.12 -9.33
C VAL A 313 3.39 11.11 -9.40
N SER A 314 3.16 9.81 -9.31
CA SER A 314 2.62 9.02 -10.40
C SER A 314 1.54 8.11 -9.85
N HIS A 315 0.54 7.82 -10.67
CA HIS A 315 -0.48 6.87 -10.24
C HIS A 315 0.02 5.44 -10.32
N SER A 316 1.13 5.18 -11.04
CA SER A 316 1.72 3.86 -11.07
C SER A 316 2.68 3.63 -9.91
N TYR A 317 3.33 4.70 -9.45
CA TYR A 317 4.44 4.56 -8.52
C TYR A 317 4.25 5.32 -7.21
N GLY A 318 3.18 6.08 -7.06
CA GLY A 318 3.10 6.98 -5.92
C GLY A 318 4.25 7.98 -5.98
N TYR A 319 4.94 8.16 -4.85
CA TYR A 319 6.06 9.07 -4.75
C TYR A 319 7.38 8.46 -5.23
N GLY A 320 7.36 7.21 -5.68
CA GLY A 320 8.54 6.61 -6.26
C GLY A 320 9.04 5.41 -5.49
N LEU A 321 10.28 5.01 -5.79
N LEU A 321 10.29 5.05 -5.75
CA LEU A 321 10.92 3.87 -5.16
CA LEU A 321 10.91 3.86 -5.18
C LEU A 321 11.21 4.15 -3.69
C LEU A 321 11.30 4.11 -3.73
N LEU A 322 10.94 3.17 -2.85
CA LEU A 322 11.37 3.28 -1.47
C LEU A 322 12.89 3.33 -1.43
N ASP A 323 13.40 4.11 -0.49
CA ASP A 323 14.84 4.30 -0.29
C ASP A 323 15.12 4.00 1.18
N ALA A 324 15.63 2.79 1.46
CA ALA A 324 15.77 2.37 2.85
C ALA A 324 16.79 3.21 3.58
N GLY A 325 17.93 3.52 2.96
CA GLY A 325 18.92 4.34 3.63
C GLY A 325 18.35 5.69 4.03
N ALA A 326 17.57 6.30 3.14
CA ALA A 326 16.97 7.61 3.43
C ALA A 326 15.90 7.50 4.51
N MET A 327 15.10 6.43 4.45
CA MET A 327 14.08 6.20 5.45
C MET A 327 14.67 6.14 6.86
N VAL A 328 15.69 5.29 7.05
CA VAL A 328 16.22 5.15 8.41
C VAL A 328 16.94 6.42 8.84
N ALA A 329 17.57 7.14 7.91
CA ALA A 329 18.26 8.37 8.28
C ALA A 329 17.27 9.43 8.75
N LEU A 330 16.16 9.60 8.02
CA LEU A 330 15.17 10.62 8.38
C LEU A 330 14.37 10.24 9.61
N ALA A 331 14.21 8.93 9.84
CA ALA A 331 13.46 8.47 11.00
C ALA A 331 14.11 8.90 12.30
N GLN A 332 15.43 8.95 12.35
CA GLN A 332 16.10 9.01 13.64
C GLN A 332 15.72 10.25 14.43
N ASN A 333 15.64 11.41 13.79
CA ASN A 333 15.28 12.63 14.52
C ASN A 333 13.90 13.14 14.13
N TRP A 334 13.06 12.29 13.57
CA TRP A 334 11.73 12.70 13.15
C TRP A 334 10.90 13.19 14.34
N THR A 335 10.24 14.32 14.16
CA THR A 335 9.34 14.86 15.15
C THR A 335 7.94 14.32 14.88
N THR A 336 7.33 13.71 15.90
CA THR A 336 5.99 13.14 15.75
C THR A 336 5.03 14.17 15.20
N VAL A 337 4.23 13.75 14.23
CA VAL A 337 3.26 14.67 13.64
C VAL A 337 2.15 14.99 14.64
N ALA A 338 1.50 16.11 14.41
CA ALA A 338 0.41 16.53 15.26
C ALA A 338 -0.76 15.55 15.12
N PRO A 339 -1.70 15.58 16.07
CA PRO A 339 -2.85 14.70 15.99
C PRO A 339 -3.60 14.90 14.69
N GLN A 340 -4.17 13.80 14.19
CA GLN A 340 -4.86 13.83 12.92
C GLN A 340 -6.17 14.60 13.03
N ARG A 341 -6.35 15.56 12.15
CA ARG A 341 -7.62 16.25 11.99
C ARG A 341 -8.38 15.68 10.80
N LYS A 342 -9.69 15.90 10.81
CA LYS A 342 -10.59 15.41 9.77
C LYS A 342 -11.63 16.49 9.51
N CYS A 343 -11.63 17.01 8.28
CA CYS A 343 -12.55 18.08 7.90
C CYS A 343 -13.53 17.52 6.88
N ILE A 344 -14.80 17.52 7.24
CA ILE A 344 -15.87 16.95 6.43
C ILE A 344 -16.58 18.07 5.70
N ILE A 345 -16.66 17.99 4.37
CA ILE A 345 -17.27 19.02 3.56
C ILE A 345 -18.27 18.34 2.62
N ASP A 346 -19.55 18.40 2.95
CA ASP A 346 -20.59 17.85 2.08
C ASP A 346 -20.91 18.92 1.04
N ILE A 347 -20.79 18.54 -0.24
N ILE A 347 -20.83 18.56 -0.24
CA ILE A 347 -20.65 19.50 -1.33
CA ILE A 347 -20.68 19.57 -1.28
C ILE A 347 -22.00 19.82 -1.98
C ILE A 347 -21.97 19.83 -2.05
N LEU A 348 -22.75 18.80 -2.38
CA LEU A 348 -23.90 19.01 -3.25
C LEU A 348 -25.07 19.63 -2.51
N THR A 349 -25.74 20.58 -3.15
CA THR A 349 -27.01 21.09 -2.67
C THR A 349 -28.20 20.40 -3.32
N GLU A 350 -27.96 19.67 -4.42
CA GLU A 350 -28.97 18.94 -5.17
C GLU A 350 -28.26 17.82 -5.93
N PRO A 351 -28.97 16.76 -6.29
CA PRO A 351 -28.36 15.74 -7.15
C PRO A 351 -28.04 16.33 -8.51
N LYS A 352 -27.04 15.73 -9.17
CA LYS A 352 -26.52 16.24 -10.43
C LYS A 352 -26.55 15.15 -11.48
N ASP A 353 -27.17 15.45 -12.62
CA ASP A 353 -27.14 14.52 -13.73
C ASP A 353 -25.72 14.38 -14.26
N ILE A 354 -25.31 13.14 -14.52
CA ILE A 354 -23.96 12.91 -15.05
C ILE A 354 -23.94 13.00 -16.56
N GLY A 355 -24.82 12.25 -17.23
CA GLY A 355 -24.80 12.28 -18.67
C GLY A 355 -23.42 11.94 -19.20
N LYS A 356 -22.99 12.72 -20.21
CA LYS A 356 -21.70 12.51 -20.86
C LYS A 356 -20.54 13.02 -20.01
N ARG A 357 -20.77 14.08 -19.25
N ARG A 357 -20.79 14.05 -19.21
CA ARG A 357 -19.72 14.70 -18.46
CA ARG A 357 -19.71 14.69 -18.46
C ARG A 357 -20.36 15.54 -17.37
C ARG A 357 -20.32 15.58 -17.39
N LEU A 358 -19.75 15.53 -16.19
CA LEU A 358 -20.16 16.37 -15.09
C LEU A 358 -18.94 16.95 -14.44
N GLU A 359 -18.97 18.24 -14.17
CA GLU A 359 -17.97 18.90 -13.36
C GLU A 359 -18.65 19.55 -12.16
N VAL A 360 -18.07 19.31 -10.98
CA VAL A 360 -18.54 19.95 -9.75
C VAL A 360 -17.36 20.72 -9.16
N ARG A 361 -17.54 22.03 -9.02
N ARG A 361 -17.55 22.03 -8.99
CA ARG A 361 -16.55 22.91 -8.41
CA ARG A 361 -16.54 22.92 -8.42
C ARG A 361 -17.05 23.34 -7.05
C ARG A 361 -17.03 23.42 -7.07
N LYS A 362 -16.13 23.42 -6.08
CA LYS A 362 -16.51 23.91 -4.76
C LYS A 362 -15.28 24.53 -4.12
N THR A 363 -15.45 25.75 -3.63
CA THR A 363 -14.41 26.42 -2.87
C THR A 363 -14.66 26.17 -1.39
N VAL A 364 -13.64 25.68 -0.70
CA VAL A 364 -13.75 25.30 0.70
C VAL A 364 -12.74 26.09 1.53
N THR A 365 -13.06 26.24 2.82
CA THR A 365 -12.12 26.83 3.77
C THR A 365 -11.37 25.79 4.59
N ALA A 366 -11.67 24.50 4.40
CA ALA A 366 -11.02 23.40 5.11
C ALA A 366 -11.16 23.57 6.62
N CYS A 367 -12.40 23.86 7.04
CA CYS A 367 -12.78 23.89 8.44
C CYS A 367 -12.08 25.03 9.20
N LEU A 368 -11.90 26.15 8.51
CA LEU A 368 -11.35 27.35 9.11
C LEU A 368 -12.10 27.72 10.40
N GLY A 369 -11.33 28.06 11.43
CA GLY A 369 -11.91 28.44 12.71
C GLY A 369 -12.27 27.29 13.61
N GLU A 370 -12.10 26.04 13.15
CA GLU A 370 -12.49 24.85 13.88
C GLU A 370 -11.26 24.07 14.33
N PRO A 371 -11.40 23.20 15.33
CA PRO A 371 -10.27 22.34 15.71
C PRO A 371 -9.86 21.37 14.61
N ASN A 372 -10.68 21.19 13.58
CA ASN A 372 -10.32 20.33 12.46
C ASN A 372 -9.83 21.12 11.26
N HIS A 373 -9.51 22.38 11.45
CA HIS A 373 -8.89 23.18 10.40
C HIS A 373 -7.61 22.49 9.91
N ILE A 374 -7.51 22.27 8.61
CA ILE A 374 -6.36 21.63 8.00
C ILE A 374 -5.70 22.60 7.03
N THR A 375 -4.45 22.92 7.29
CA THR A 375 -3.62 23.63 6.34
C THR A 375 -2.56 22.73 5.72
N ARG A 376 -2.42 21.49 6.20
CA ARG A 376 -1.38 20.57 5.74
C ARG A 376 -2.09 19.24 5.48
N LEU A 377 -2.43 18.97 4.23
CA LEU A 377 -3.19 17.78 3.91
C LEU A 377 -2.33 16.52 4.05
N GLU A 378 -2.99 15.45 4.47
CA GLU A 378 -2.41 14.12 4.33
C GLU A 378 -3.20 13.45 3.21
N HIS A 379 -4.08 12.52 3.56
CA HIS A 379 -4.99 11.90 2.61
C HIS A 379 -6.19 12.81 2.37
N ALA A 380 -6.75 12.70 1.16
CA ALA A 380 -8.04 13.28 0.84
C ALA A 380 -8.91 12.23 0.19
N GLN A 381 -10.20 12.28 0.50
CA GLN A 381 -11.18 11.38 -0.10
C GLN A 381 -12.28 12.18 -0.76
N ALA A 382 -12.75 11.70 -1.90
CA ALA A 382 -14.03 12.13 -2.45
C ALA A 382 -14.96 10.94 -2.27
N ARG A 383 -15.84 11.04 -1.29
CA ARG A 383 -16.81 9.99 -1.02
C ARG A 383 -18.02 10.23 -1.91
N LEU A 384 -18.18 9.38 -2.93
CA LEU A 384 -19.17 9.60 -3.96
C LEU A 384 -20.28 8.56 -3.90
N THR A 385 -21.51 9.04 -4.06
CA THR A 385 -22.66 8.17 -4.25
C THR A 385 -23.27 8.53 -5.59
N LEU A 386 -23.34 7.55 -6.48
CA LEU A 386 -23.83 7.81 -7.82
C LEU A 386 -24.41 6.54 -8.41
N SER A 387 -25.37 6.73 -9.31
CA SER A 387 -25.90 5.70 -10.17
C SER A 387 -25.36 5.89 -11.57
N TYR A 388 -25.15 4.79 -12.27
CA TYR A 388 -24.75 4.86 -13.67
C TYR A 388 -25.11 3.52 -14.31
N ASN A 389 -25.41 3.55 -15.60
CA ASN A 389 -25.85 2.32 -16.25
C ASN A 389 -24.71 1.33 -16.51
N ARG A 390 -23.47 1.81 -16.70
CA ARG A 390 -22.31 0.93 -16.90
C ARG A 390 -21.11 1.58 -16.21
N ARG A 391 -20.72 1.02 -15.07
CA ARG A 391 -19.83 1.71 -14.15
C ARG A 391 -18.46 1.91 -14.78
N GLY A 392 -17.98 0.92 -15.53
CA GLY A 392 -16.61 0.98 -16.02
C GLY A 392 -16.39 1.94 -17.15
N ASP A 393 -17.46 2.53 -17.69
CA ASP A 393 -17.29 3.59 -18.65
C ASP A 393 -16.94 4.92 -17.99
N LEU A 394 -17.06 5.02 -16.66
CA LEU A 394 -16.74 6.25 -15.97
C LEU A 394 -15.24 6.39 -15.72
N ALA A 395 -14.74 7.62 -15.90
CA ALA A 395 -13.45 8.06 -15.39
C ALA A 395 -13.72 9.26 -14.50
N ILE A 396 -13.02 9.32 -13.37
CA ILE A 396 -13.27 10.35 -12.36
C ILE A 396 -11.94 10.95 -11.96
N HIS A 397 -11.89 12.26 -11.90
CA HIS A 397 -10.71 12.99 -11.48
C HIS A 397 -11.09 14.01 -10.41
N LEU A 398 -10.11 14.31 -9.55
CA LEU A 398 -10.27 15.32 -8.51
C LEU A 398 -9.07 16.24 -8.57
N VAL A 399 -9.32 17.54 -8.68
CA VAL A 399 -8.25 18.55 -8.79
C VAL A 399 -8.23 19.36 -7.52
N SER A 400 -7.07 19.42 -6.87
CA SER A 400 -6.90 20.18 -5.64
C SER A 400 -6.73 21.65 -5.94
N PRO A 401 -6.89 22.51 -4.92
CA PRO A 401 -6.63 23.94 -5.13
C PRO A 401 -5.27 24.25 -5.69
N MET A 402 -4.26 23.44 -5.35
N MET A 402 -4.25 23.46 -5.35
CA MET A 402 -2.91 23.65 -5.87
CA MET A 402 -2.93 23.69 -5.90
C MET A 402 -2.75 23.12 -7.29
C MET A 402 -2.72 23.02 -7.25
N GLY A 403 -3.81 22.59 -7.89
CA GLY A 403 -3.78 22.17 -9.28
C GLY A 403 -3.37 20.73 -9.52
N THR A 404 -3.30 19.93 -8.48
CA THR A 404 -2.89 18.54 -8.62
C THR A 404 -4.08 17.70 -9.04
N ARG A 405 -3.98 17.12 -10.23
N ARG A 405 -3.99 17.08 -10.23
CA ARG A 405 -5.03 16.27 -10.78
CA ARG A 405 -5.09 16.29 -10.77
C ARG A 405 -4.80 14.85 -10.27
C ARG A 405 -4.91 14.82 -10.38
N SER A 406 -5.72 14.36 -9.44
CA SER A 406 -5.71 12.98 -9.01
C SER A 406 -6.75 12.23 -9.82
N THR A 407 -6.34 11.14 -10.45
CA THR A 407 -7.29 10.20 -11.03
C THR A 407 -7.88 9.38 -9.89
N LEU A 408 -9.18 9.53 -9.66
CA LEU A 408 -9.86 8.71 -8.66
C LEU A 408 -10.34 7.39 -9.23
N LEU A 409 -10.66 7.36 -10.53
CA LEU A 409 -11.15 6.17 -11.18
C LEU A 409 -10.82 6.28 -12.65
N ALA A 410 -10.13 5.27 -13.18
CA ALA A 410 -9.94 5.18 -14.62
C ALA A 410 -11.00 4.25 -15.20
N ALA A 411 -11.28 4.41 -16.50
CA ALA A 411 -12.18 3.48 -17.17
C ALA A 411 -11.75 2.04 -16.95
N ARG A 412 -12.72 1.20 -16.62
CA ARG A 412 -12.51 -0.24 -16.44
C ARG A 412 -13.39 -0.97 -17.44
N PRO A 413 -12.83 -1.42 -18.57
N PRO A 413 -12.85 -1.39 -18.59
CA PRO A 413 -13.68 -1.96 -19.64
CA PRO A 413 -13.71 -1.95 -19.64
C PRO A 413 -14.47 -3.18 -19.24
C PRO A 413 -14.50 -3.18 -19.22
N HIS A 414 -13.99 -3.99 -18.30
CA HIS A 414 -14.73 -5.18 -17.90
C HIS A 414 -15.84 -4.91 -16.89
N ASP A 415 -15.88 -3.70 -16.33
CA ASP A 415 -16.84 -3.40 -15.25
C ASP A 415 -18.18 -3.00 -15.86
N TYR A 416 -19.04 -3.99 -16.06
CA TYR A 416 -20.37 -3.80 -16.62
C TYR A 416 -21.44 -3.47 -15.58
N SER A 417 -21.06 -3.33 -14.32
CA SER A 417 -22.03 -3.21 -13.25
C SER A 417 -22.94 -2.01 -13.45
N ALA A 418 -24.21 -2.22 -13.17
CA ALA A 418 -25.18 -1.14 -13.12
C ALA A 418 -25.43 -0.66 -11.71
N ASP A 419 -24.57 -1.03 -10.77
CA ASP A 419 -24.81 -0.77 -9.35
C ASP A 419 -24.16 0.51 -8.84
N GLY A 420 -23.37 1.20 -9.65
CA GLY A 420 -22.79 2.48 -9.29
C GLY A 420 -21.87 2.39 -8.10
N PHE A 421 -21.77 3.51 -7.37
CA PHE A 421 -20.93 3.61 -6.19
C PHE A 421 -21.79 4.08 -5.04
N ASN A 422 -21.71 3.39 -3.91
CA ASN A 422 -22.50 3.69 -2.74
C ASN A 422 -21.56 4.24 -1.68
N ASP A 423 -21.45 5.57 -1.65
CA ASP A 423 -20.57 6.29 -0.73
C ASP A 423 -19.17 5.67 -0.73
N TRP A 424 -18.62 5.52 -1.93
CA TRP A 424 -17.28 4.95 -2.08
C TRP A 424 -16.25 6.05 -1.88
N ALA A 425 -15.31 5.82 -0.96
CA ALA A 425 -14.35 6.85 -0.54
C ALA A 425 -13.05 6.79 -1.35
N PHE A 426 -13.12 7.22 -2.61
CA PHE A 426 -11.95 7.31 -3.47
C PHE A 426 -10.89 8.18 -2.80
N MET A 427 -9.67 7.65 -2.66
CA MET A 427 -8.66 8.30 -1.87
C MET A 427 -7.46 8.69 -2.72
N THR A 428 -6.90 9.88 -2.44
CA THR A 428 -5.67 10.27 -3.08
C THR A 428 -4.62 10.69 -2.06
N THR A 429 -3.38 10.28 -2.35
CA THR A 429 -2.22 10.68 -1.60
C THR A 429 -1.44 11.78 -2.31
N HIS A 430 -1.88 12.19 -3.50
CA HIS A 430 -1.05 13.03 -4.36
C HIS A 430 -1.01 14.49 -3.92
N SER A 431 -1.87 14.91 -3.01
CA SER A 431 -1.86 16.28 -2.50
C SER A 431 -1.29 16.36 -1.08
N TRP A 432 -0.57 15.32 -0.65
CA TRP A 432 0.09 15.30 0.64
C TRP A 432 0.90 16.57 0.83
N ASP A 433 0.72 17.23 1.96
CA ASP A 433 1.40 18.46 2.41
C ASP A 433 0.88 19.72 1.70
N GLU A 434 -0.03 19.60 0.73
CA GLU A 434 -0.69 20.80 0.21
C GLU A 434 -1.66 21.42 1.22
N ASP A 435 -1.87 22.72 1.05
CA ASP A 435 -2.96 23.42 1.75
C ASP A 435 -4.26 23.16 0.98
N PRO A 436 -5.27 22.54 1.59
CA PRO A 436 -6.48 22.17 0.85
C PRO A 436 -7.56 23.24 0.79
N SER A 437 -7.28 24.44 1.30
N SER A 437 -7.29 24.43 1.30
CA SER A 437 -8.23 25.54 1.17
CA SER A 437 -8.24 25.53 1.16
C SER A 437 -8.25 26.01 -0.28
C SER A 437 -8.26 25.99 -0.30
N GLY A 438 -9.44 26.38 -0.76
CA GLY A 438 -9.58 26.83 -2.12
C GLY A 438 -10.49 25.97 -2.96
N GLU A 439 -10.35 26.07 -4.28
CA GLU A 439 -11.30 25.41 -5.17
C GLU A 439 -10.86 23.98 -5.45
N TRP A 440 -11.75 23.04 -5.18
CA TRP A 440 -11.63 21.66 -5.61
C TRP A 440 -12.56 21.42 -6.79
N VAL A 441 -12.12 20.59 -7.73
CA VAL A 441 -12.90 20.27 -8.90
C VAL A 441 -13.02 18.76 -9.02
N LEU A 442 -14.25 18.29 -9.08
CA LEU A 442 -14.55 16.90 -9.38
C LEU A 442 -15.02 16.80 -10.84
N GLU A 443 -14.42 15.89 -11.57
CA GLU A 443 -14.77 15.60 -12.95
C GLU A 443 -15.23 14.15 -13.05
N ILE A 444 -16.40 13.94 -13.64
CA ILE A 444 -16.91 12.62 -13.94
C ILE A 444 -17.21 12.60 -15.42
N GLU A 445 -16.62 11.66 -16.14
CA GLU A 445 -16.76 11.62 -17.60
C GLU A 445 -17.13 10.22 -18.07
N ASN A 446 -17.98 10.19 -19.07
CA ASN A 446 -18.31 8.95 -19.78
C ASN A 446 -17.28 8.78 -20.88
N THR A 447 -16.39 7.79 -20.73
CA THR A 447 -15.31 7.58 -21.70
C THR A 447 -15.77 6.81 -22.93
N SER A 448 -17.00 6.32 -22.95
N SER A 448 -17.02 6.36 -22.95
CA SER A 448 -17.50 5.59 -24.10
CA SER A 448 -17.58 5.58 -24.06
C SER A 448 -18.26 6.53 -25.03
C SER A 448 -18.45 6.45 -24.95
N GLU A 449 -18.59 6.01 -26.20
CA GLU A 449 -19.48 6.70 -27.13
C GLU A 449 -20.94 6.33 -26.86
N ALA A 450 -21.18 5.40 -25.95
CA ALA A 450 -22.55 5.01 -25.66
C ALA A 450 -23.28 6.16 -24.95
N ASN A 451 -24.59 6.21 -25.13
CA ASN A 451 -25.41 7.20 -24.44
C ASN A 451 -25.71 6.70 -23.03
N ASN A 452 -24.69 6.75 -22.19
CA ASN A 452 -24.83 6.32 -20.80
C ASN A 452 -25.47 7.41 -19.94
N TYR A 453 -25.97 7.01 -18.77
CA TYR A 453 -26.79 7.91 -17.97
C TYR A 453 -26.71 7.54 -16.49
N GLY A 454 -26.86 8.55 -15.66
CA GLY A 454 -26.89 8.36 -14.22
C GLY A 454 -26.86 9.70 -13.52
N THR A 455 -26.77 9.61 -12.19
CA THR A 455 -26.94 10.75 -11.29
C THR A 455 -25.93 10.65 -10.14
N LEU A 456 -25.24 11.76 -9.86
CA LEU A 456 -24.45 11.91 -8.64
C LEU A 456 -25.33 12.49 -7.54
N THR A 457 -25.51 11.74 -6.44
CA THR A 457 -26.39 12.20 -5.37
C THR A 457 -25.63 12.66 -4.14
N LYS A 458 -24.37 12.27 -3.98
CA LYS A 458 -23.61 12.76 -2.83
C LYS A 458 -22.15 12.85 -3.21
N PHE A 459 -21.54 13.97 -2.84
CA PHE A 459 -20.12 14.21 -2.99
C PHE A 459 -19.67 14.80 -1.66
N THR A 460 -19.02 13.98 -0.83
CA THR A 460 -18.43 14.46 0.40
C THR A 460 -16.93 14.50 0.24
N LEU A 461 -16.35 15.68 0.39
CA LEU A 461 -14.90 15.82 0.40
C LEU A 461 -14.46 15.69 1.85
N VAL A 462 -13.60 14.71 2.11
CA VAL A 462 -13.10 14.46 3.44
C VAL A 462 -11.60 14.71 3.41
N LEU A 463 -11.16 15.69 4.17
CA LEU A 463 -9.75 16.04 4.29
C LEU A 463 -9.19 15.54 5.62
N TYR A 464 -8.00 14.95 5.55
CA TYR A 464 -7.25 14.58 6.73
C TYR A 464 -5.94 15.35 6.76
N GLY A 465 -5.47 15.66 7.96
CA GLY A 465 -4.17 16.31 8.04
C GLY A 465 -4.03 17.12 9.33
N THR A 466 -3.19 18.14 9.24
CA THR A 466 -2.83 18.91 10.42
C THR A 466 -2.79 20.39 10.06
N ALA A 467 -2.37 21.20 11.01
CA ALA A 467 -2.24 22.63 10.77
C ALA A 467 -0.91 23.16 11.27
N SER A 468 0.14 22.35 11.24
CA SER A 468 1.45 22.83 11.69
C SER A 468 2.55 21.94 11.15
N GLY A 469 3.76 22.50 11.07
CA GLY A 469 4.96 21.72 10.85
C GLY A 469 5.37 21.51 9.41
N SER A 470 5.01 22.41 8.50
CA SER A 470 5.32 22.19 7.09
C SER A 470 6.79 22.48 6.79
N LEU A 471 7.32 21.76 5.82
CA LEU A 471 8.63 22.02 5.23
C LEU A 471 8.49 22.97 4.05
N VAL A 472 9.59 23.66 3.73
CA VAL A 472 9.63 24.45 2.50
C VAL A 472 9.45 23.53 1.30
N PRO A 473 8.56 23.83 0.34
CA PRO A 473 8.35 22.97 -0.84
C PRO A 473 9.65 22.56 -1.55
C4 A1JA4 B . -7.82 -10.24 2.05
C5 A1JA4 B . -8.89 -10.61 1.12
C6 A1JA4 B . -8.86 -11.84 0.43
C7 A1JA4 B . -9.92 -12.23 -0.39
C8 A1JA4 B . -9.91 -13.58 -1.05
C10 A1JA4 B . -7.68 -13.24 -2.16
C13 A1JA4 B . -6.62 -13.19 -5.88
C20 A1JA4 B . -11.00 -11.38 -0.54
C21 A1JA4 B . -11.06 -10.16 0.13
C22 A1JA4 B . -12.27 -9.27 0.00
C24 A1JA4 B . -14.30 -8.34 1.07
C26 A1JA4 B . -15.86 -9.81 2.40
C28 A1JA4 B . -18.10 -9.17 3.48
C11 A1JA4 B . -6.88 -13.61 -3.40
C12 A1JA4 B . -7.46 -12.90 -4.63
C14 A1JA4 B . -6.96 -12.42 -7.12
C16 A1JA4 B . -6.97 -12.43 -9.47
C18 A1JA4 B . -8.93 -13.27 -4.78
C19 A1JA4 B . -9.71 -12.95 -3.49
C2 A1JA4 B . -5.54 -10.34 2.77
C25 A1JA4 B . -15.23 -8.43 2.27
C27 A1JA4 B . -16.78 -9.90 3.61
C3 A1JA4 B . -6.50 -10.62 1.82
C30 A1JA4 B . -20.03 -8.44 4.64
C32 A1JA4 B . -14.75 -10.84 2.46
C33 A1JA4 B . -13.81 -10.75 1.25
C34 A1JA4 B . -10.00 -9.79 0.94
C35 A1JA4 B . -8.14 -9.57 3.24
C36 A1JA4 B . -7.14 -9.31 4.15
C38 A1JA4 B . -5.82 -9.68 3.95
N23 A1JA4 B . -13.22 -9.38 1.16
N9 A1JA4 B . -9.11 -13.67 -2.33
O15 A1JA4 B . -6.66 -13.11 -8.23
O17 A1JA4 B . -7.43 -11.32 -7.13
O29 A1JA4 B . -18.73 -9.12 4.65
O31 A1JA4 B . -18.53 -8.71 2.45
CL1 A1JA4 B . -3.89 -10.84 2.46
CL37 A1JA4 B . -7.55 -8.45 5.62
H6 A1JA4 B . -8.08 -12.41 0.56
H8B A1JA4 B . -9.54 -14.23 -0.43
H8A A1JA4 B . -10.83 -13.84 -1.25
H10B A1JA4 B . -7.68 -12.27 -2.01
H10A A1JA4 B . -7.32 -13.68 -1.36
H13B A1JA4 B . -5.67 -13.04 -5.70
H13A A1JA4 B . -6.68 -14.15 -6.11
H20 A1JA4 B . -11.75 -11.65 -1.12
H22A A1JA4 B . -12.79 -9.50 -0.81
H22B A1JA4 B . -12.01 -8.33 -0.06
H24A A1JA4 B . -14.80 -8.51 0.24
H24B A1JA4 B . -13.88 -7.46 1.01
H26 A1JA4 B . -16.40 -9.97 1.59
H11A A1JA4 B . -5.94 -13.39 -3.26
H11B A1JA4 B . -6.89 -14.59 -3.50
H12 A1JA4 B . -7.40 -11.93 -4.48
H16A A1JA4 B . -7.03 -13.11 -10.17
H16B A1JA4 B . -6.25 -11.79 -9.64
H16C A1JA4 B . -7.83 -11.97 -9.35
H18B A1JA4 B . -9.04 -14.22 -4.98
H18A A1JA4 B . -9.34 -12.78 -5.52
H19A A1JA4 B . -10.66 -13.24 -3.55
H19B A1JA4 B . -9.69 -11.99 -3.27
H25A A1JA4 B . -14.71 -8.20 3.07
H25B A1JA4 B . -15.91 -7.72 2.18
H27A A1JA4 B . -16.33 -9.55 4.41
H27B A1JA4 B . -16.97 -10.84 3.81
H3 A1JA4 B . -6.25 -11.09 1.01
H30B A1JA4 B . -20.40 -8.42 5.53
H30A A1JA4 B . -20.65 -8.92 4.05
H30C A1JA4 B . -19.93 -7.52 4.31
H32B A1JA4 B . -14.21 -10.74 3.27
H32A A1JA4 B . -15.11 -11.75 2.50
H33A A1JA4 B . -14.30 -10.91 0.42
H33B A1JA4 B . -13.08 -11.38 1.32
H34 A1JA4 B . -10.02 -8.93 1.42
H35 A1JA4 B . -9.05 -9.28 3.43
H38 A1JA4 B . -5.13 -9.49 4.61
HN9 A1JA4 B . -9.09 -14.53 -2.53
HN23 A1JA4 B . -12.78 -9.22 1.90
CA CA C . -2.90 -24.89 11.63
CA CA D . 19.92 -16.94 4.25
CA CA E . -7.33 -4.56 -7.96
NA NA F . -3.58 2.52 1.42
NA NA G . -5.95 27.75 -1.10
NA NA H . 1.38 20.84 -10.41
NA NA I . -5.15 -7.53 -5.18
CL CL J . -12.07 8.75 10.24
S DMS K . -19.98 -0.07 -4.89
O DMS K . -19.92 1.15 -4.02
C1 DMS K . -19.58 -1.46 -3.82
C2 DMS K . -21.73 -0.42 -5.24
H11 DMS K . -19.72 -2.37 -4.35
H12 DMS K . -20.21 -1.46 -2.97
H13 DMS K . -18.56 -1.40 -3.51
H21 DMS K . -21.80 -1.30 -5.84
H22 DMS K . -22.15 0.39 -5.77
H23 DMS K . -22.25 -0.57 -4.33
S DMS L . -6.65 8.42 13.46
O DMS L . -7.66 7.56 12.76
C1 DMS L . -7.46 9.50 14.64
C2 DMS L . -5.79 7.42 14.71
H11 DMS L . -6.75 9.90 15.32
H12 DMS L . -8.20 8.97 15.17
H13 DMS L . -7.92 10.31 14.12
H21 DMS L . -4.98 7.96 15.11
H22 DMS L . -5.44 6.53 14.27
H23 DMS L . -6.46 7.18 15.50
S DMS M . 0.88 -12.30 -10.81
O DMS M . -0.58 -12.00 -10.64
C1 DMS M . 1.71 -10.76 -11.24
C2 DMS M . 1.64 -12.50 -9.18
H11 DMS M . 2.75 -10.93 -11.35
H12 DMS M . 1.56 -10.04 -10.48
H13 DMS M . 1.32 -10.38 -12.15
H21 DMS M . 2.68 -12.64 -9.30
H22 DMS M . 1.23 -13.36 -8.71
H23 DMS M . 1.45 -11.65 -8.60
S DMS N . 5.32 -32.65 3.99
O DMS N . 6.13 -31.39 3.89
C1 DMS N . 3.99 -32.45 5.22
C2 DMS N . 4.36 -32.90 2.47
H11 DMS N . 3.39 -33.32 5.22
H12 DMS N . 3.40 -31.61 4.96
H13 DMS N . 4.41 -32.31 6.18
H21 DMS N . 3.69 -33.72 2.61
H22 DMS N . 5.02 -33.12 1.67
H23 DMS N . 3.80 -32.03 2.26
S DMS O . -3.31 -28.51 7.54
O DMS O . -2.45 -29.22 8.54
C1 DMS O . -2.52 -26.97 7.05
C2 DMS O . -3.47 -29.50 6.02
H11 DMS O . -3.10 -26.48 6.32
H12 DMS O . -1.56 -27.18 6.65
H13 DMS O . -2.42 -26.35 7.90
H21 DMS O . -4.17 -29.04 5.37
H22 DMS O . -3.80 -30.47 6.26
H23 DMS O . -2.53 -29.56 5.55
S DMS P . 1.67 4.95 -17.90
S DMS P . 2.77 4.15 -18.60
O DMS P . 3.05 5.48 -18.13
O DMS P . 3.81 5.16 -18.96
C1 DMS P . 0.90 4.49 -19.48
C1 DMS P . 1.78 4.69 -17.18
C2 DMS P . 1.80 3.25 -17.27
C2 DMS P . 1.50 4.20 -19.89
H11 DMS P . 0.03 3.92 -19.29
H11 DMS P . 1.01 3.99 -17.00
H12 DMS P . 1.58 3.92 -20.05
H12 DMS P . 1.35 5.63 -17.38
H13 DMS P . 0.64 5.37 -20.01
H13 DMS P . 2.41 4.76 -16.33
H21 DMS P . 0.84 2.90 -17.00
H21 DMS P . 0.72 3.53 -19.65
H22 DMS P . 2.44 3.24 -16.43
H22 DMS P . 1.93 3.92 -20.82
H23 DMS P . 2.21 2.63 -18.02
H23 DMS P . 1.11 5.18 -19.96
C1 NAG Q . 7.01 9.43 21.58
C2 NAG Q . 7.82 9.84 22.81
C3 NAG Q . 6.95 10.57 23.82
C4 NAG Q . 6.20 11.72 23.16
C5 NAG Q . 5.45 11.23 21.91
C6 NAG Q . 4.79 12.34 21.14
C7 NAG Q . 9.71 8.33 23.24
C8 NAG Q . 10.18 7.10 23.97
N2 NAG Q . 8.44 8.67 23.43
O3 NAG Q . 7.75 11.07 24.88
O4 NAG Q . 5.27 12.29 24.08
O5 NAG Q . 6.38 10.58 21.02
O6 NAG Q . 5.74 13.29 20.69
O7 NAG Q . 10.46 8.97 22.50
H1 NAG Q . 6.32 8.79 21.85
H2 NAG Q . 8.53 10.45 22.52
H3 NAG Q . 6.28 9.94 24.18
H4 NAG Q . 6.84 12.40 22.88
H5 NAG Q . 4.78 10.58 22.19
H61 NAG Q . 4.14 12.78 21.71
H62 NAG Q . 4.33 11.96 20.37
H81 NAG Q . 11.13 6.96 23.80
H82 NAG Q . 9.67 6.32 23.66
H83 NAG Q . 10.04 7.22 24.93
HN2 NAG Q . 7.93 8.16 23.98
HO3 NAG Q . 7.28 11.65 25.36
HO4 NAG Q . 5.35 13.17 24.07
HO6 NAG Q . 5.32 14.00 20.36
#